data_6U7X
#
_entry.id   6U7X
#
loop_
_entity.id
_entity.type
_entity.pdbx_description
1 polymer GLY-ARG-ALA-TYR-LYS-SER-LYS-PRO-PRO-ILE-ALA-PHE-PRO-ASP
2 non-polymer 1-methyl-1H-1,2,3-triazole
#
_entity_poly.entity_id   1
_entity_poly.type   'polypeptide(L)'
_entity_poly.pdbx_seq_one_letter_code
;GRAYKSKPPIAFPD
;
_entity_poly.pdbx_strand_id   A
#
loop_
_chem_comp.id
_chem_comp.type
_chem_comp.name
_chem_comp.formula
WMH non-polymer 1-methyl-1H-1,2,3-triazole 'C3 H5 N3'
#
# COMPACT_ATOMS: atom_id res chain seq x y z
N GLY A 1 -6.34 0.55 -5.18
CA GLY A 1 -5.97 -0.84 -5.15
C GLY A 1 -4.48 -0.98 -5.26
N ARG A 2 -3.75 -0.16 -4.54
CA ARG A 2 -2.31 -0.20 -4.59
C ARG A 2 -1.78 -0.39 -3.19
N ALA A 3 -1.55 -1.61 -2.81
CA ALA A 3 -1.01 -1.90 -1.49
C ALA A 3 0.41 -2.36 -1.60
N TYR A 4 1.23 -1.84 -0.74
CA TYR A 4 2.63 -2.16 -0.70
C TYR A 4 2.92 -3.10 0.46
N LYS A 5 3.82 -4.04 0.23
CA LYS A 5 4.18 -5.05 1.22
C LYS A 5 5.21 -4.52 2.21
N SER A 6 6.03 -3.61 1.74
CA SER A 6 7.08 -3.03 2.54
C SER A 6 6.50 -2.19 3.67
N LYS A 7 7.24 -2.02 4.73
CA LYS A 7 6.79 -1.24 5.85
C LYS A 7 7.48 0.10 5.83
N PRO A 8 6.76 1.22 6.04
CA PRO A 8 5.31 1.23 6.34
C PRO A 8 4.47 0.85 5.11
N PRO A 9 3.45 0.00 5.29
CA PRO A 9 2.59 -0.42 4.20
C PRO A 9 1.68 0.71 3.75
N ILE A 10 1.98 1.24 2.61
CA ILE A 10 1.21 2.30 2.04
C ILE A 10 0.18 1.71 1.11
N ALA A 11 -1.07 2.10 1.26
CA ALA A 11 -2.10 1.62 0.40
C ALA A 11 -2.85 2.79 -0.19
N PHE A 12 -2.94 2.80 -1.48
CA PHE A 12 -3.69 3.80 -2.21
C PHE A 12 -5.02 3.18 -2.55
N PRO A 13 -6.14 3.90 -2.30
CA PRO A 13 -7.51 3.37 -2.45
C PRO A 13 -7.87 2.83 -3.84
N ASP A 14 -7.00 3.06 -4.82
CA ASP A 14 -7.21 2.56 -6.17
C ASP A 14 -6.88 1.08 -6.25
N WMH B . -2.46 -1.83 1.33
C WMH B . -2.97 -2.35 0.11
C1 WMH B . -2.48 -0.55 1.79
C2 WMH B . -1.83 -0.53 2.97
N1 WMH B . -1.42 -1.77 3.25
N2 WMH B . -1.77 -2.56 2.30
H1 WMH B . -3.69 -3.11 0.33
H2 WMH B . -3.45 -1.55 -0.43
H5 WMH B . -1.68 0.33 3.59
N GLY A 1 -6.31 0.31 -5.20
CA GLY A 1 -5.80 -1.03 -5.25
C GLY A 1 -4.31 -1.08 -5.44
N ARG A 2 -3.62 -0.28 -4.68
CA ARG A 2 -2.17 -0.26 -4.72
C ARG A 2 -1.62 -0.26 -3.34
N ALA A 3 -1.15 -1.39 -2.92
CA ALA A 3 -0.57 -1.53 -1.62
C ALA A 3 0.85 -1.95 -1.71
N TYR A 4 1.68 -1.31 -0.94
CA TYR A 4 3.03 -1.69 -0.79
C TYR A 4 3.06 -2.68 0.32
N LYS A 5 3.54 -3.87 0.04
CA LYS A 5 3.54 -4.93 1.04
C LYS A 5 4.70 -4.78 2.01
N SER A 6 5.54 -3.83 1.72
CA SER A 6 6.64 -3.50 2.56
C SER A 6 6.16 -2.54 3.66
N LYS A 7 6.77 -2.61 4.82
CA LYS A 7 6.43 -1.71 5.89
C LYS A 7 7.44 -0.57 5.89
N PRO A 8 7.04 0.70 6.16
CA PRO A 8 5.65 1.09 6.49
C PRO A 8 4.65 0.90 5.34
N PRO A 9 3.44 0.43 5.65
CA PRO A 9 2.40 0.16 4.65
C PRO A 9 1.81 1.42 4.02
N ILE A 10 2.12 1.64 2.77
CA ILE A 10 1.56 2.75 2.02
C ILE A 10 0.59 2.17 1.00
N ALA A 11 -0.66 2.59 1.05
CA ALA A 11 -1.66 2.06 0.17
C ALA A 11 -2.48 3.17 -0.45
N PHE A 12 -3.01 2.88 -1.60
CA PHE A 12 -3.92 3.73 -2.29
C PHE A 12 -5.21 2.94 -2.50
N PRO A 13 -6.38 3.53 -2.16
CA PRO A 13 -7.71 2.83 -2.21
C PRO A 13 -8.10 2.27 -3.57
N ASP A 14 -7.40 2.65 -4.62
CA ASP A 14 -7.68 2.14 -5.97
C ASP A 14 -7.14 0.74 -6.12
N WMH B . -1.96 -1.37 1.24
C WMH B . -2.46 -1.96 0.06
C1 WMH B . -2.01 -0.08 1.62
C2 WMH B . -1.37 0.01 2.81
N1 WMH B . -0.94 -1.20 3.16
N2 WMH B . -1.28 -2.06 2.26
H1 WMH B . -3.17 -2.73 0.31
H2 WMH B . -2.97 -1.18 -0.51
H5 WMH B . -1.22 0.91 3.38
N GLY A 1 -6.28 0.48 -5.12
CA GLY A 1 -6.02 -0.93 -4.96
C GLY A 1 -4.55 -1.20 -5.12
N ARG A 2 -3.75 -0.36 -4.51
CA ARG A 2 -2.31 -0.48 -4.59
C ARG A 2 -1.75 -0.45 -3.19
N ALA A 3 -1.43 -1.59 -2.68
CA ALA A 3 -0.89 -1.72 -1.34
C ALA A 3 0.55 -2.12 -1.38
N TYR A 4 1.35 -1.48 -0.57
CA TYR A 4 2.75 -1.82 -0.44
C TYR A 4 2.90 -2.87 0.63
N LYS A 5 3.79 -3.80 0.39
CA LYS A 5 4.04 -4.88 1.31
C LYS A 5 5.17 -4.48 2.22
N SER A 6 6.18 -3.87 1.64
CA SER A 6 7.30 -3.37 2.37
C SER A 6 6.82 -2.25 3.27
N LYS A 7 7.15 -2.37 4.52
CA LYS A 7 6.68 -1.45 5.55
C LYS A 7 7.41 -0.12 5.46
N PRO A 8 6.74 1.02 5.76
CA PRO A 8 5.33 1.05 6.21
C PRO A 8 4.34 0.71 5.09
N PRO A 9 3.24 0.03 5.41
CA PRO A 9 2.25 -0.36 4.43
C PRO A 9 1.43 0.84 3.97
N ILE A 10 1.84 1.39 2.88
CA ILE A 10 1.15 2.49 2.27
C ILE A 10 0.18 1.91 1.28
N ALA A 11 -1.03 2.37 1.26
CA ALA A 11 -1.99 1.86 0.32
C ALA A 11 -2.66 3.00 -0.37
N PHE A 12 -2.95 2.81 -1.61
CA PHE A 12 -3.72 3.74 -2.36
C PHE A 12 -5.07 3.11 -2.63
N PRO A 13 -6.18 3.83 -2.33
CA PRO A 13 -7.57 3.35 -2.55
C PRO A 13 -7.85 2.77 -3.94
N ASP A 14 -6.98 3.04 -4.89
CA ASP A 14 -7.07 2.48 -6.24
C ASP A 14 -6.85 0.95 -6.20
N WMH B . -2.48 -1.52 1.44
C WMH B . -2.87 -2.12 0.23
C1 WMH B . -2.55 -0.21 1.80
C2 WMH B . -2.06 -0.14 3.05
N1 WMH B . -1.69 -1.33 3.46
N2 WMH B . -1.92 -2.19 2.54
H1 WMH B . -3.58 -2.91 0.44
H2 WMH B . -3.36 -1.37 -0.38
H5 WMH B . -1.97 0.77 3.63
N GLY A 1 -6.08 0.45 -5.48
CA GLY A 1 -5.66 -0.92 -5.49
C GLY A 1 -4.17 -0.99 -5.52
N ARG A 2 -3.55 -0.26 -4.63
CA ARG A 2 -2.12 -0.22 -4.60
C ARG A 2 -1.64 -0.32 -3.16
N ALA A 3 -1.26 -1.50 -2.79
CA ALA A 3 -0.78 -1.77 -1.46
C ALA A 3 0.69 -2.00 -1.44
N TYR A 4 1.31 -1.39 -0.49
CA TYR A 4 2.68 -1.63 -0.22
C TYR A 4 2.75 -2.54 0.96
N LYS A 5 3.07 -3.79 0.70
CA LYS A 5 3.14 -4.78 1.73
C LYS A 5 4.51 -4.76 2.37
N SER A 6 5.38 -3.98 1.78
CA SER A 6 6.67 -3.69 2.33
C SER A 6 6.48 -2.51 3.28
N LYS A 7 7.44 -2.19 4.09
CA LYS A 7 7.26 -1.08 5.00
C LYS A 7 7.83 0.21 4.42
N PRO A 8 7.20 1.37 4.73
CA PRO A 8 6.00 1.47 5.57
C PRO A 8 4.72 1.02 4.85
N PRO A 9 3.85 0.28 5.54
CA PRO A 9 2.60 -0.22 4.95
C PRO A 9 1.65 0.94 4.62
N ILE A 10 1.40 1.11 3.36
CA ILE A 10 0.51 2.14 2.90
C ILE A 10 -0.29 1.60 1.72
N ALA A 11 -1.58 1.81 1.75
CA ALA A 11 -2.42 1.32 0.71
C ALA A 11 -3.21 2.44 0.11
N PHE A 12 -3.07 2.60 -1.16
CA PHE A 12 -3.74 3.61 -1.89
C PHE A 12 -5.01 3.02 -2.50
N PRO A 13 -6.16 3.72 -2.36
CA PRO A 13 -7.51 3.21 -2.77
C PRO A 13 -7.68 2.90 -4.28
N ASP A 14 -6.61 2.92 -5.03
CA ASP A 14 -6.69 2.57 -6.44
C ASP A 14 -6.25 1.12 -6.59
N WMH B . -2.41 -2.19 1.27
C WMH B . -2.75 -2.64 -0.03
C1 WMH B . -2.67 -1.00 1.83
C2 WMH B . -2.13 -1.02 3.08
N1 WMH B . -1.56 -2.20 3.28
N2 WMH B . -1.70 -2.93 2.23
H1 WMH B . -3.35 -3.54 0.04
H2 WMH B . -3.30 -1.87 -0.54
H5 WMH B . -2.17 -0.21 3.79
N GLY A 1 -6.32 0.51 -4.95
CA GLY A 1 -6.03 -0.90 -4.83
C GLY A 1 -4.55 -1.16 -4.98
N ARG A 2 -3.76 -0.18 -4.62
CA ARG A 2 -2.32 -0.28 -4.76
C ARG A 2 -1.69 -0.37 -3.40
N ALA A 3 -1.40 -1.58 -3.00
CA ALA A 3 -0.81 -1.87 -1.71
C ALA A 3 0.62 -2.31 -1.81
N TYR A 4 1.42 -1.76 -0.95
CA TYR A 4 2.80 -2.15 -0.82
C TYR A 4 2.91 -3.22 0.25
N LYS A 5 3.89 -4.06 0.13
CA LYS A 5 4.15 -5.05 1.16
C LYS A 5 5.31 -4.62 2.04
N SER A 6 5.87 -3.50 1.70
CA SER A 6 6.94 -2.92 2.45
C SER A 6 6.34 -2.03 3.55
N LYS A 7 6.81 -2.20 4.76
CA LYS A 7 6.34 -1.42 5.90
C LYS A 7 7.26 -0.21 6.08
N PRO A 8 6.72 0.98 6.44
CA PRO A 8 5.27 1.23 6.64
C PRO A 8 4.50 1.01 5.35
N PRO A 9 3.40 0.28 5.42
CA PRO A 9 2.64 -0.12 4.25
C PRO A 9 1.79 1.02 3.69
N ILE A 10 2.08 1.38 2.48
CA ILE A 10 1.35 2.41 1.80
C ILE A 10 0.31 1.77 0.89
N ALA A 11 -0.95 2.11 1.10
CA ALA A 11 -2.00 1.58 0.26
C ALA A 11 -2.84 2.70 -0.28
N PHE A 12 -2.86 2.80 -1.56
CA PHE A 12 -3.70 3.77 -2.22
C PHE A 12 -5.03 3.13 -2.48
N PRO A 13 -6.15 3.82 -2.13
CA PRO A 13 -7.57 3.32 -2.30
C PRO A 13 -7.92 2.83 -3.72
N ASP A 14 -7.03 3.03 -4.65
CA ASP A 14 -7.15 2.52 -6.02
C ASP A 14 -6.95 0.99 -6.01
N WMH B . -2.12 -1.87 1.16
C WMH B . -2.67 -2.39 -0.03
C1 WMH B . -2.20 -0.61 1.64
C2 WMH B . -1.49 -0.57 2.78
N1 WMH B . -0.99 -1.78 3.02
N2 WMH B . -1.33 -2.57 2.07
H1 WMH B . -3.34 -3.21 0.22
H2 WMH B . -3.23 -1.61 -0.54
H5 WMH B . -1.35 0.29 3.41
N GLY A 1 -6.05 0.67 -5.47
CA GLY A 1 -5.75 -0.72 -5.44
C GLY A 1 -4.26 -0.92 -5.43
N ARG A 2 -3.59 -0.19 -4.58
CA ARG A 2 -2.15 -0.26 -4.50
C ARG A 2 -1.75 -0.34 -3.05
N ALA A 3 -1.35 -1.50 -2.63
CA ALA A 3 -0.90 -1.72 -1.28
C ALA A 3 0.53 -2.19 -1.27
N TYR A 4 1.29 -1.60 -0.40
CA TYR A 4 2.66 -1.96 -0.22
C TYR A 4 2.80 -2.92 0.94
N LYS A 5 3.49 -4.01 0.69
CA LYS A 5 3.75 -4.99 1.71
C LYS A 5 5.05 -4.67 2.42
N SER A 6 5.81 -3.82 1.80
CA SER A 6 7.02 -3.34 2.38
C SER A 6 6.67 -2.24 3.34
N LYS A 7 7.28 -2.26 4.50
CA LYS A 7 7.00 -1.31 5.55
C LYS A 7 7.74 -0.01 5.28
N PRO A 8 7.09 1.16 5.44
CA PRO A 8 5.69 1.27 5.91
C PRO A 8 4.67 0.86 4.83
N PRO A 9 3.68 0.01 5.20
CA PRO A 9 2.67 -0.45 4.25
C PRO A 9 1.69 0.65 3.90
N ILE A 10 1.94 1.29 2.80
CA ILE A 10 1.09 2.35 2.33
C ILE A 10 0.07 1.79 1.35
N ALA A 11 -1.18 2.21 1.49
CA ALA A 11 -2.21 1.76 0.60
C ALA A 11 -2.91 2.93 -0.06
N PHE A 12 -3.41 2.67 -1.23
CA PHE A 12 -4.13 3.61 -2.05
C PHE A 12 -5.43 2.96 -2.50
N PRO A 13 -6.58 3.66 -2.39
CA PRO A 13 -7.93 3.11 -2.77
C PRO A 13 -8.01 2.69 -4.26
N ASP A 14 -7.00 3.10 -5.02
CA ASP A 14 -6.83 2.73 -6.42
C ASP A 14 -6.60 1.22 -6.52
N WMH B . -2.54 -1.63 1.48
C WMH B . -2.96 -2.11 0.22
C1 WMH B . -2.65 -0.38 1.99
C2 WMH B . -2.08 -0.40 3.22
N1 WMH B . -1.64 -1.62 3.47
N2 WMH B . -1.90 -2.39 2.47
H1 WMH B . -3.74 -2.83 0.35
H2 WMH B . -3.33 -1.26 -0.34
H5 WMH B . -2.00 0.46 3.88
N GLY A 1 -6.58 0.36 -5.04
CA GLY A 1 -6.26 -1.04 -4.98
C GLY A 1 -4.79 -1.26 -5.06
N ARG A 2 -4.04 -0.20 -4.84
CA ARG A 2 -2.60 -0.23 -4.95
C ARG A 2 -1.97 -0.27 -3.57
N ALA A 3 -1.44 -1.40 -3.22
CA ALA A 3 -0.81 -1.61 -1.92
C ALA A 3 0.62 -2.05 -2.07
N TYR A 4 1.43 -1.63 -1.14
CA TYR A 4 2.81 -2.05 -1.07
C TYR A 4 3.01 -2.84 0.20
N LYS A 5 3.61 -3.98 0.08
CA LYS A 5 3.90 -4.76 1.26
C LYS A 5 5.30 -4.39 1.69
N SER A 6 5.36 -3.35 2.45
CA SER A 6 6.57 -2.79 2.93
C SER A 6 6.38 -2.38 4.37
N LYS A 7 7.43 -1.99 5.03
CA LYS A 7 7.33 -1.46 6.38
C LYS A 7 7.73 0.02 6.37
N PRO A 8 6.78 0.97 6.56
CA PRO A 8 5.36 0.70 6.77
C PRO A 8 4.61 0.52 5.44
N PRO A 9 3.49 -0.22 5.42
CA PRO A 9 2.74 -0.47 4.20
C PRO A 9 1.99 0.77 3.72
N ILE A 10 2.24 1.16 2.50
CA ILE A 10 1.59 2.31 1.91
C ILE A 10 0.57 1.83 0.90
N ALA A 11 -0.66 2.35 0.99
CA ALA A 11 -1.70 1.90 0.08
C ALA A 11 -2.46 3.09 -0.47
N PHE A 12 -3.01 2.89 -1.61
CA PHE A 12 -3.86 3.84 -2.26
C PHE A 12 -5.17 3.14 -2.57
N PRO A 13 -6.34 3.76 -2.23
CA PRO A 13 -7.70 3.14 -2.36
C PRO A 13 -8.08 2.72 -3.79
N ASP A 14 -7.17 2.86 -4.71
CA ASP A 14 -7.36 2.39 -6.08
C ASP A 14 -7.15 0.88 -6.10
N WMH B . -2.13 -1.54 1.02
C WMH B . -2.67 -2.05 -0.19
C1 WMH B . -2.13 -0.27 1.46
C2 WMH B . -1.50 -0.25 2.65
N1 WMH B . -1.12 -1.48 2.95
N2 WMH B . -1.47 -2.28 2.00
H1 WMH B . -3.39 -2.82 0.04
H2 WMH B . -3.16 -1.25 -0.71
H5 WMH B . -1.33 0.62 3.26
N GLY A 1 -6.24 0.80 -5.30
CA GLY A 1 -6.07 -0.62 -5.24
C GLY A 1 -4.62 -0.94 -5.40
N ARG A 2 -3.81 -0.23 -4.66
CA ARG A 2 -2.40 -0.36 -4.80
C ARG A 2 -1.80 -0.55 -3.41
N ALA A 3 -1.44 -1.76 -3.11
CA ALA A 3 -0.86 -2.09 -1.82
C ALA A 3 0.60 -2.40 -1.93
N TYR A 4 1.37 -1.83 -1.04
CA TYR A 4 2.77 -2.09 -0.96
C TYR A 4 3.07 -2.68 0.39
N LYS A 5 3.28 -3.97 0.43
CA LYS A 5 3.55 -4.65 1.65
C LYS A 5 5.02 -4.63 1.97
N SER A 6 5.43 -3.50 2.42
CA SER A 6 6.76 -3.19 2.83
C SER A 6 6.58 -2.15 3.90
N LYS A 7 7.62 -1.79 4.60
CA LYS A 7 7.50 -0.82 5.67
C LYS A 7 7.77 0.60 5.16
N PRO A 8 6.87 1.57 5.45
CA PRO A 8 5.60 1.34 6.16
C PRO A 8 4.51 0.86 5.18
N PRO A 9 3.53 0.06 5.65
CA PRO A 9 2.46 -0.47 4.79
C PRO A 9 1.62 0.65 4.22
N ILE A 10 1.75 0.88 2.94
CA ILE A 10 1.02 1.91 2.31
C ILE A 10 0.11 1.33 1.24
N ALA A 11 -1.17 1.61 1.38
CA ALA A 11 -2.14 1.14 0.43
C ALA A 11 -2.95 2.31 -0.06
N PHE A 12 -2.99 2.44 -1.33
CA PHE A 12 -3.68 3.50 -2.00
C PHE A 12 -5.06 3.01 -2.43
N PRO A 13 -6.13 3.82 -2.16
CA PRO A 13 -7.55 3.50 -2.52
C PRO A 13 -7.77 3.07 -4.00
N ASP A 14 -6.79 3.35 -4.85
CA ASP A 14 -6.83 2.91 -6.26
C ASP A 14 -6.78 1.38 -6.33
N WMH B . -2.29 -2.40 1.01
C WMH B . -2.77 -2.84 -0.25
C1 WMH B . -2.38 -1.18 1.57
C2 WMH B . -1.70 -1.22 2.74
N1 WMH B . -1.23 -2.44 2.92
N2 WMH B . -1.54 -3.18 1.91
H1 WMH B . -3.43 -3.67 -0.11
H2 WMH B . -3.31 -2.02 -0.72
H5 WMH B . -1.57 -0.40 3.42
N GLY A 1 -6.47 0.70 -5.18
CA GLY A 1 -6.30 -0.72 -5.07
C GLY A 1 -4.85 -1.08 -5.22
N ARG A 2 -4.02 -0.38 -4.49
CA ARG A 2 -2.58 -0.54 -4.60
C ARG A 2 -2.04 -0.66 -3.20
N ALA A 3 -1.15 -1.59 -2.98
CA ALA A 3 -0.62 -1.85 -1.67
C ALA A 3 0.80 -2.35 -1.72
N TYR A 4 1.62 -1.80 -0.87
CA TYR A 4 2.98 -2.24 -0.75
C TYR A 4 3.08 -3.34 0.29
N LYS A 5 4.09 -4.17 0.17
CA LYS A 5 4.31 -5.25 1.12
C LYS A 5 5.45 -4.89 2.07
N SER A 6 5.99 -3.72 1.87
CA SER A 6 7.06 -3.21 2.69
C SER A 6 6.49 -2.31 3.78
N LYS A 7 7.33 -1.93 4.72
CA LYS A 7 6.96 -1.03 5.79
C LYS A 7 7.42 0.37 5.42
N PRO A 8 6.61 1.40 5.64
CA PRO A 8 5.27 1.27 6.23
C PRO A 8 4.25 0.77 5.20
N PRO A 9 3.15 0.15 5.66
CA PRO A 9 2.09 -0.32 4.79
C PRO A 9 1.38 0.86 4.13
N ILE A 10 1.86 1.22 2.97
CA ILE A 10 1.31 2.31 2.22
C ILE A 10 0.38 1.76 1.17
N ALA A 11 -0.87 2.12 1.26
CA ALA A 11 -1.86 1.66 0.33
C ALA A 11 -2.60 2.83 -0.27
N PHE A 12 -3.05 2.64 -1.47
CA PHE A 12 -3.77 3.63 -2.23
C PHE A 12 -5.16 3.10 -2.52
N PRO A 13 -6.23 3.91 -2.30
CA PRO A 13 -7.65 3.48 -2.50
C PRO A 13 -7.97 3.10 -3.97
N ASP A 14 -6.98 3.24 -4.83
CA ASP A 14 -7.03 2.81 -6.22
C ASP A 14 -6.94 1.27 -6.28
N WMH B . -2.13 -1.81 1.12
C WMH B . -2.62 -2.28 -0.10
C1 WMH B . -2.22 -0.56 1.62
C2 WMH B . -1.58 -0.57 2.81
N1 WMH B . -1.11 -1.79 3.04
N2 WMH B . -1.42 -2.55 2.06
H1 WMH B . -3.37 -3.04 0.08
H2 WMH B . -3.06 -1.47 -0.64
H5 WMH B . -1.46 0.28 3.47
N GLY A 1 -6.25 0.48 -4.76
CA GLY A 1 -5.81 -0.85 -4.46
C GLY A 1 -4.33 -1.05 -4.62
N ARG A 2 -3.59 0.03 -4.87
CA ARG A 2 -2.13 -0.07 -4.96
C ARG A 2 -1.56 -0.30 -3.58
N ALA A 3 -1.34 -1.54 -3.24
CA ALA A 3 -0.82 -1.91 -1.94
C ALA A 3 0.60 -2.35 -2.06
N TYR A 4 1.40 -1.87 -1.16
CA TYR A 4 2.78 -2.21 -1.11
C TYR A 4 3.09 -2.84 0.21
N LYS A 5 3.48 -4.09 0.16
CA LYS A 5 3.87 -4.80 1.34
C LYS A 5 5.31 -4.48 1.67
N SER A 6 5.45 -3.40 2.34
CA SER A 6 6.69 -2.84 2.76
C SER A 6 6.41 -2.16 4.07
N LYS A 7 7.41 -1.72 4.77
CA LYS A 7 7.20 -1.02 6.01
C LYS A 7 7.52 0.47 5.85
N PRO A 8 6.56 1.38 6.08
CA PRO A 8 5.16 1.06 6.44
C PRO A 8 4.31 0.62 5.22
N PRO A 9 3.27 -0.19 5.44
CA PRO A 9 2.39 -0.65 4.36
C PRO A 9 1.50 0.47 3.83
N ILE A 10 1.82 0.93 2.66
CA ILE A 10 1.06 1.98 2.02
C ILE A 10 0.13 1.40 0.97
N ALA A 11 -1.12 1.78 1.05
CA ALA A 11 -2.09 1.35 0.10
C ALA A 11 -2.83 2.55 -0.41
N PHE A 12 -2.71 2.78 -1.68
CA PHE A 12 -3.39 3.86 -2.33
C PHE A 12 -4.80 3.42 -2.66
N PRO A 13 -5.81 4.26 -2.34
CA PRO A 13 -7.27 3.99 -2.45
C PRO A 13 -7.73 2.95 -3.50
N ASP A 14 -7.22 3.04 -4.72
CA ASP A 14 -7.66 2.15 -5.81
C ASP A 14 -7.26 0.70 -5.55
N WMH B . -2.38 -2.13 0.82
C WMH B . -2.81 -2.58 -0.45
C1 WMH B . -2.48 -0.89 1.34
C2 WMH B . -1.89 -0.93 2.57
N1 WMH B . -1.45 -2.16 2.79
N2 WMH B . -1.71 -2.90 1.79
H1 WMH B . -3.50 -3.40 -0.32
H2 WMH B . -3.32 -1.76 -0.95
H5 WMH B . -1.81 -0.10 3.25
N GLY A 1 -6.13 0.82 -5.25
CA GLY A 1 -5.90 -0.59 -5.32
C GLY A 1 -4.45 -0.84 -5.44
N ARG A 2 -3.70 -0.23 -4.57
CA ARG A 2 -2.27 -0.29 -4.65
C ARG A 2 -1.71 -0.48 -3.26
N ALA A 3 -1.52 -1.70 -2.90
CA ALA A 3 -0.93 -2.05 -1.63
C ALA A 3 0.44 -2.61 -1.80
N TYR A 4 1.34 -2.14 -0.98
CA TYR A 4 2.69 -2.59 -0.97
C TYR A 4 2.90 -3.45 0.26
N LYS A 5 3.80 -4.39 0.17
CA LYS A 5 4.08 -5.29 1.29
C LYS A 5 5.22 -4.74 2.13
N SER A 6 5.75 -3.63 1.70
CA SER A 6 6.81 -2.97 2.37
C SER A 6 6.28 -2.13 3.53
N LYS A 7 7.17 -1.68 4.38
CA LYS A 7 6.82 -0.88 5.51
C LYS A 7 7.38 0.53 5.35
N PRO A 8 6.64 1.58 5.75
CA PRO A 8 5.31 1.46 6.39
C PRO A 8 4.24 0.95 5.40
N PRO A 9 3.06 0.52 5.89
CA PRO A 9 2.00 0.02 5.02
C PRO A 9 1.47 1.11 4.08
N ILE A 10 1.98 1.11 2.88
CA ILE A 10 1.59 2.06 1.87
C ILE A 10 0.49 1.44 1.01
N ALA A 11 -0.73 1.93 1.19
CA ALA A 11 -1.86 1.46 0.42
C ALA A 11 -2.65 2.62 -0.11
N PHE A 12 -2.95 2.55 -1.35
CA PHE A 12 -3.76 3.53 -2.00
C PHE A 12 -5.10 2.92 -2.31
N PRO A 13 -6.22 3.60 -1.98
CA PRO A 13 -7.59 3.12 -2.28
C PRO A 13 -7.83 2.88 -3.78
N ASP A 14 -6.87 3.28 -4.59
CA ASP A 14 -6.84 2.98 -6.02
C ASP A 14 -6.72 1.47 -6.22
N WMH B . -2.18 -1.95 1.29
C WMH B . -2.80 -2.41 0.10
C1 WMH B . -2.15 -0.71 1.79
C2 WMH B . -1.40 -0.75 2.92
N1 WMH B . -0.97 -1.98 3.11
N2 WMH B . -1.41 -2.75 2.17
H1 WMH B . -3.56 -3.14 0.34
H2 WMH B . -3.26 -1.57 -0.39
H5 WMH B . -1.18 0.09 3.55
N GLY A 1 -6.11 0.74 -5.35
CA GLY A 1 -5.70 -0.64 -5.44
C GLY A 1 -4.21 -0.85 -5.40
N ARG A 2 -3.49 -0.06 -4.63
CA ARG A 2 -2.06 -0.22 -4.53
C ARG A 2 -1.64 -0.40 -3.09
N ALA A 3 -1.43 -1.63 -2.69
CA ALA A 3 -0.91 -1.96 -1.37
C ALA A 3 0.49 -2.43 -1.48
N TYR A 4 1.33 -1.93 -0.63
CA TYR A 4 2.71 -2.32 -0.60
C TYR A 4 2.98 -3.06 0.68
N LYS A 5 3.53 -4.24 0.54
CA LYS A 5 3.86 -5.08 1.69
C LYS A 5 5.08 -4.54 2.44
N SER A 6 5.87 -3.72 1.77
CA SER A 6 7.02 -3.13 2.39
C SER A 6 6.60 -2.03 3.35
N LYS A 7 7.21 -2.02 4.51
CA LYS A 7 6.86 -1.11 5.57
C LYS A 7 7.54 0.24 5.36
N PRO A 8 6.85 1.36 5.66
CA PRO A 8 5.46 1.35 6.14
C PRO A 8 4.49 0.98 5.01
N PRO A 9 3.56 0.04 5.26
CA PRO A 9 2.61 -0.39 4.24
C PRO A 9 1.66 0.74 3.85
N ILE A 10 1.83 1.20 2.65
CA ILE A 10 1.00 2.25 2.13
C ILE A 10 0.02 1.65 1.15
N ALA A 11 -1.24 1.92 1.35
CA ALA A 11 -2.27 1.42 0.50
C ALA A 11 -3.06 2.55 -0.08
N PHE A 12 -3.08 2.61 -1.35
CA PHE A 12 -3.80 3.60 -2.09
C PHE A 12 -5.16 3.04 -2.45
N PRO A 13 -6.25 3.80 -2.20
CA PRO A 13 -7.66 3.37 -2.45
C PRO A 13 -7.94 2.90 -3.89
N ASP A 14 -7.03 3.19 -4.80
CA ASP A 14 -7.18 2.76 -6.18
C ASP A 14 -6.63 1.35 -6.40
N WMH B . -2.42 -1.99 1.41
C WMH B . -2.89 -2.51 0.19
C1 WMH B . -2.53 -0.73 1.88
C2 WMH B . -1.89 -0.68 3.08
N1 WMH B . -1.40 -1.88 3.35
N2 WMH B . -1.68 -2.70 2.39
H1 WMH B . -3.58 -3.32 0.40
H2 WMH B . -3.40 -1.73 -0.34
H5 WMH B . -1.79 0.19 3.71
N GLY A 1 -6.42 0.68 -5.15
CA GLY A 1 -6.17 -0.73 -5.05
C GLY A 1 -4.71 -1.01 -5.21
N ARG A 2 -3.89 -0.21 -4.58
CA ARG A 2 -2.46 -0.35 -4.69
C ARG A 2 -1.85 -0.53 -3.33
N ALA A 3 -1.59 -1.74 -2.96
CA ALA A 3 -0.96 -2.04 -1.69
C ALA A 3 0.45 -2.49 -1.93
N TYR A 4 1.35 -1.96 -1.14
CA TYR A 4 2.74 -2.28 -1.24
C TYR A 4 3.20 -2.90 0.04
N LYS A 5 3.81 -4.04 -0.06
CA LYS A 5 4.22 -4.81 1.08
C LYS A 5 5.61 -4.44 1.54
N SER A 6 5.66 -3.40 2.30
CA SER A 6 6.84 -2.89 2.92
C SER A 6 6.39 -2.22 4.21
N LYS A 7 7.29 -1.84 5.07
CA LYS A 7 6.90 -1.13 6.27
C LYS A 7 7.45 0.29 6.20
N PRO A 8 6.60 1.32 6.35
CA PRO A 8 5.16 1.19 6.59
C PRO A 8 4.40 0.79 5.33
N PRO A 9 3.32 0.01 5.48
CA PRO A 9 2.50 -0.42 4.35
C PRO A 9 1.76 0.75 3.71
N ILE A 10 2.12 1.04 2.49
CA ILE A 10 1.51 2.12 1.75
C ILE A 10 0.46 1.54 0.82
N ALA A 11 -0.78 1.92 1.02
CA ALA A 11 -1.85 1.45 0.18
C ALA A 11 -2.65 2.64 -0.33
N PHE A 12 -2.83 2.67 -1.60
CA PHE A 12 -3.61 3.70 -2.22
C PHE A 12 -5.00 3.15 -2.51
N PRO A 13 -6.07 3.91 -2.13
CA PRO A 13 -7.50 3.49 -2.27
C PRO A 13 -7.93 2.97 -3.66
N ASP A 14 -7.13 3.22 -4.68
CA ASP A 14 -7.39 2.69 -6.03
C ASP A 14 -7.24 1.18 -6.04
N WMH B . -2.25 -2.00 1.19
C WMH B . -2.81 -2.55 0.02
C1 WMH B . -2.19 -0.71 1.58
C2 WMH B . -1.50 -0.66 2.73
N1 WMH B . -1.13 -1.89 3.06
N2 WMH B . -1.55 -2.72 2.18
H1 WMH B . -3.49 -3.35 0.29
H2 WMH B . -3.35 -1.77 -0.49
H5 WMH B . -1.27 0.23 3.29
N GLY A 1 -6.57 0.44 -5.14
CA GLY A 1 -6.31 -0.96 -4.99
C GLY A 1 -4.86 -1.23 -5.22
N ARG A 2 -4.03 -0.65 -4.41
CA ARG A 2 -2.60 -0.74 -4.57
C ARG A 2 -1.96 -0.63 -3.21
N ALA A 3 -1.23 -1.64 -2.83
CA ALA A 3 -0.57 -1.69 -1.53
C ALA A 3 0.88 -2.06 -1.68
N TYR A 4 1.70 -1.34 -0.98
CA TYR A 4 3.12 -1.60 -0.94
C TYR A 4 3.40 -2.58 0.18
N LYS A 5 3.88 -3.75 -0.18
CA LYS A 5 4.17 -4.78 0.81
C LYS A 5 5.52 -4.52 1.43
N SER A 6 5.57 -3.52 2.24
CA SER A 6 6.74 -3.11 2.93
C SER A 6 6.28 -2.55 4.26
N LYS A 7 7.17 -2.37 5.18
CA LYS A 7 6.86 -1.76 6.44
C LYS A 7 7.56 -0.42 6.55
N PRO A 8 6.83 0.72 6.64
CA PRO A 8 5.36 0.75 6.70
C PRO A 8 4.68 0.64 5.31
N PRO A 9 3.50 0.01 5.26
CA PRO A 9 2.78 -0.17 4.02
C PRO A 9 1.98 1.06 3.61
N ILE A 10 2.19 1.50 2.41
CA ILE A 10 1.44 2.60 1.85
C ILE A 10 0.42 2.00 0.90
N ALA A 11 -0.82 2.39 1.03
CA ALA A 11 -1.84 1.88 0.14
C ALA A 11 -2.59 3.03 -0.48
N PHE A 12 -3.14 2.78 -1.63
CA PHE A 12 -3.92 3.75 -2.35
C PHE A 12 -5.29 3.17 -2.65
N PRO A 13 -6.37 3.95 -2.37
CA PRO A 13 -7.81 3.53 -2.54
C PRO A 13 -8.15 2.86 -3.88
N ASP A 14 -7.32 3.04 -4.89
CA ASP A 14 -7.52 2.39 -6.19
C ASP A 14 -7.39 0.88 -6.06
N WMH B . -2.10 -1.47 1.37
C WMH B . -2.48 -2.13 0.17
C1 WMH B . -2.25 -0.17 1.69
C2 WMH B . -1.74 -0.02 2.93
N1 WMH B . -1.29 -1.17 3.37
N2 WMH B . -1.49 -2.08 2.48
H1 WMH B . -3.15 -2.94 0.39
H2 WMH B . -2.99 -1.41 -0.45
H5 WMH B . -1.70 0.92 3.47
N GLY A 1 -6.40 0.88 -5.22
CA GLY A 1 -6.28 -0.55 -5.20
C GLY A 1 -4.87 -1.01 -5.41
N ARG A 2 -3.96 -0.52 -4.61
CA ARG A 2 -2.56 -0.90 -4.70
C ARG A 2 -1.97 -0.97 -3.31
N ALA A 3 -1.34 -2.05 -2.98
CA ALA A 3 -0.72 -2.22 -1.70
C ALA A 3 0.76 -2.48 -1.83
N TYR A 4 1.53 -1.82 -1.02
CA TYR A 4 2.95 -2.05 -0.98
C TYR A 4 3.27 -2.90 0.21
N LYS A 5 3.82 -4.06 -0.04
CA LYS A 5 4.19 -4.94 1.02
C LYS A 5 5.59 -4.64 1.52
N SER A 6 5.66 -3.54 2.19
CA SER A 6 6.86 -3.04 2.79
C SER A 6 6.42 -2.23 4.00
N LYS A 7 7.33 -1.83 4.81
CA LYS A 7 7.02 -0.91 5.86
C LYS A 7 7.41 0.50 5.38
N PRO A 8 6.57 1.50 5.58
CA PRO A 8 5.28 1.35 6.26
C PRO A 8 4.20 0.82 5.29
N PRO A 9 3.09 0.25 5.82
CA PRO A 9 2.01 -0.24 4.98
C PRO A 9 1.31 0.91 4.26
N ILE A 10 1.73 1.13 3.04
CA ILE A 10 1.18 2.16 2.21
C ILE A 10 0.34 1.52 1.15
N ALA A 11 -0.93 1.79 1.20
CA ALA A 11 -1.83 1.26 0.22
C ALA A 11 -2.58 2.42 -0.37
N PHE A 12 -2.76 2.40 -1.65
CA PHE A 12 -3.47 3.45 -2.33
C PHE A 12 -4.91 3.03 -2.49
N PRO A 13 -5.87 3.92 -2.15
CA PRO A 13 -7.32 3.65 -2.24
C PRO A 13 -7.80 3.27 -3.66
N ASP A 14 -6.92 3.44 -4.63
CA ASP A 14 -7.18 3.02 -6.00
C ASP A 14 -7.16 1.49 -6.10
N WMH B . -2.07 -2.24 1.18
C WMH B . -2.54 -2.84 -0.02
C1 WMH B . -2.18 -0.95 1.58
C2 WMH B . -1.57 -0.85 2.78
N1 WMH B . -1.10 -2.03 3.12
N2 WMH B . -1.38 -2.90 2.21
H1 WMH B . -3.17 -3.69 0.24
H2 WMH B . -3.13 -2.13 -0.56
H5 WMH B . -1.48 0.05 3.38
N GLY A 1 -6.18 0.64 -5.14
CA GLY A 1 -6.05 -0.78 -4.95
C GLY A 1 -4.60 -1.22 -4.98
N ARG A 2 -3.71 -0.33 -4.62
CA ARG A 2 -2.29 -0.65 -4.64
C ARG A 2 -1.73 -0.61 -3.23
N ALA A 3 -1.31 -1.74 -2.75
CA ALA A 3 -0.77 -1.90 -1.41
C ALA A 3 0.72 -2.13 -1.44
N TYR A 4 1.42 -1.46 -0.57
CA TYR A 4 2.83 -1.67 -0.37
C TYR A 4 3.01 -2.71 0.69
N LYS A 5 3.69 -3.78 0.34
CA LYS A 5 3.89 -4.89 1.24
C LYS A 5 5.07 -4.62 2.15
N SER A 6 5.95 -3.75 1.71
CA SER A 6 7.07 -3.33 2.49
C SER A 6 6.65 -2.20 3.41
N LYS A 7 7.16 -2.22 4.62
CA LYS A 7 6.89 -1.21 5.62
C LYS A 7 7.51 0.14 5.18
N PRO A 8 6.82 1.28 5.37
CA PRO A 8 5.48 1.32 5.96
C PRO A 8 4.40 0.90 4.95
N PRO A 9 3.45 0.03 5.36
CA PRO A 9 2.39 -0.42 4.47
C PRO A 9 1.47 0.73 4.08
N ILE A 10 1.63 1.18 2.87
CA ILE A 10 0.80 2.24 2.33
C ILE A 10 -0.13 1.62 1.30
N ALA A 11 -1.40 1.89 1.42
CA ALA A 11 -2.35 1.33 0.48
C ALA A 11 -3.13 2.44 -0.16
N PHE A 12 -2.90 2.61 -1.42
CA PHE A 12 -3.55 3.62 -2.20
C PHE A 12 -4.95 3.15 -2.57
N PRO A 13 -5.98 4.02 -2.38
CA PRO A 13 -7.42 3.70 -2.63
C PRO A 13 -7.70 3.06 -4.00
N ASP A 14 -6.78 3.25 -4.94
CA ASP A 14 -6.87 2.65 -6.28
C ASP A 14 -6.80 1.13 -6.20
N WMH B . -2.39 -2.10 1.39
C WMH B . -2.72 -2.65 0.12
C1 WMH B . -2.62 -0.84 1.85
C2 WMH B . -2.08 -0.78 3.10
N1 WMH B . -1.55 -1.96 3.40
N2 WMH B . -1.71 -2.77 2.41
H1 WMH B . -3.34 -3.52 0.26
H2 WMH B . -3.28 -1.91 -0.43
H5 WMH B . -2.09 0.09 3.74
N GLY A 1 -6.32 0.69 -5.01
CA GLY A 1 -6.13 -0.71 -4.70
C GLY A 1 -4.69 -1.11 -4.80
N ARG A 2 -3.81 -0.25 -4.35
CA ARG A 2 -2.39 -0.54 -4.42
C ARG A 2 -1.79 -0.60 -3.04
N ALA A 3 -1.58 -1.80 -2.57
CA ALA A 3 -0.99 -2.06 -1.28
C ALA A 3 0.41 -2.55 -1.47
N TYR A 4 1.31 -2.02 -0.69
CA TYR A 4 2.69 -2.40 -0.75
C TYR A 4 3.05 -3.29 0.40
N LYS A 5 4.06 -4.11 0.21
CA LYS A 5 4.49 -5.04 1.22
C LYS A 5 5.50 -4.34 2.12
N SER A 6 6.19 -3.38 1.54
CA SER A 6 7.20 -2.61 2.23
C SER A 6 6.60 -1.84 3.38
N LYS A 7 7.26 -1.86 4.52
CA LYS A 7 6.78 -1.18 5.69
C LYS A 7 7.33 0.24 5.75
N PRO A 8 6.52 1.23 6.15
CA PRO A 8 5.10 1.04 6.49
C PRO A 8 4.25 0.81 5.23
N PRO A 9 3.37 -0.20 5.22
CA PRO A 9 2.56 -0.52 4.06
C PRO A 9 1.58 0.59 3.75
N ILE A 10 1.77 1.20 2.61
CA ILE A 10 0.89 2.22 2.16
C ILE A 10 -0.09 1.59 1.18
N ALA A 11 -1.35 1.94 1.30
CA ALA A 11 -2.33 1.44 0.38
C ALA A 11 -3.05 2.59 -0.27
N PHE A 12 -2.82 2.73 -1.54
CA PHE A 12 -3.44 3.76 -2.33
C PHE A 12 -4.85 3.31 -2.66
N PRO A 13 -5.86 4.21 -2.48
CA PRO A 13 -7.31 3.90 -2.67
C PRO A 13 -7.68 3.19 -3.99
N ASP A 14 -6.82 3.29 -4.99
CA ASP A 14 -7.04 2.61 -6.29
C ASP A 14 -6.90 1.09 -6.11
N WMH B . -2.65 -1.96 1.47
C WMH B . -3.01 -2.56 0.25
C1 WMH B . -2.76 -0.68 1.84
C2 WMH B . -2.24 -0.57 3.08
N1 WMH B . -1.80 -1.75 3.47
N2 WMH B . -2.03 -2.62 2.55
H1 WMH B . -3.69 -3.38 0.45
H2 WMH B . -3.52 -1.82 -0.35
H5 WMH B . -2.18 0.34 3.65
N GLY A 1 -6.15 1.00 -5.65
CA GLY A 1 -5.85 -0.38 -5.86
C GLY A 1 -4.37 -0.65 -5.81
N ARG A 2 -3.74 -0.31 -4.71
CA ARG A 2 -2.32 -0.58 -4.54
C ARG A 2 -1.99 -0.72 -3.07
N ALA A 3 -1.29 -1.77 -2.72
CA ALA A 3 -0.88 -2.04 -1.35
C ALA A 3 0.58 -2.37 -1.29
N TYR A 4 1.27 -1.78 -0.35
CA TYR A 4 2.67 -2.05 -0.12
C TYR A 4 2.83 -3.15 0.91
N LYS A 5 3.74 -4.05 0.66
CA LYS A 5 4.02 -5.14 1.55
C LYS A 5 5.07 -4.71 2.55
N SER A 6 6.08 -4.03 2.06
CA SER A 6 7.16 -3.55 2.87
C SER A 6 6.75 -2.25 3.58
N LYS A 7 7.40 -1.98 4.69
CA LYS A 7 7.09 -0.81 5.49
C LYS A 7 7.74 0.42 4.88
N PRO A 8 7.02 1.56 4.82
CA PRO A 8 5.65 1.71 5.36
C PRO A 8 4.58 1.02 4.48
N PRO A 9 3.74 0.16 5.06
CA PRO A 9 2.69 -0.49 4.32
C PRO A 9 1.53 0.46 4.13
N ILE A 10 1.60 1.22 3.08
CA ILE A 10 0.56 2.15 2.78
C ILE A 10 -0.23 1.61 1.60
N ALA A 11 -1.51 1.77 1.66
CA ALA A 11 -2.34 1.31 0.59
C ALA A 11 -3.04 2.50 0.00
N PHE A 12 -3.24 2.44 -1.25
CA PHE A 12 -3.91 3.46 -1.99
C PHE A 12 -5.25 2.90 -2.43
N PRO A 13 -6.34 3.65 -2.22
CA PRO A 13 -7.71 3.24 -2.60
C PRO A 13 -7.89 3.13 -4.13
N ASP A 14 -6.81 3.35 -4.85
CA ASP A 14 -6.79 3.24 -6.29
C ASP A 14 -6.40 1.82 -6.67
N WMH B . -2.64 -2.22 1.28
C WMH B . -2.95 -2.72 -0.01
C1 WMH B . -2.79 -0.97 1.76
C2 WMH B . -2.30 -0.98 3.02
N1 WMH B . -1.86 -2.19 3.31
N2 WMH B . -2.05 -2.97 2.31
H1 WMH B . -3.63 -3.56 0.08
H2 WMH B . -3.43 -1.93 -0.57
H5 WMH B . -2.26 -0.12 3.68
N GLY A 1 -6.38 0.67 -5.25
CA GLY A 1 -6.20 -0.75 -5.15
C GLY A 1 -4.76 -1.13 -5.30
N ARG A 2 -3.91 -0.50 -4.52
CA ARG A 2 -2.50 -0.78 -4.57
C ARG A 2 -1.92 -0.70 -3.17
N ALA A 3 -1.64 -1.84 -2.61
CA ALA A 3 -1.06 -1.95 -1.29
C ALA A 3 0.37 -2.39 -1.38
N TYR A 4 1.22 -1.75 -0.64
CA TYR A 4 2.61 -2.09 -0.61
C TYR A 4 2.91 -2.96 0.57
N LYS A 5 3.76 -3.93 0.35
CA LYS A 5 4.16 -4.87 1.36
C LYS A 5 5.46 -4.39 2.00
N SER A 6 5.80 -3.17 1.71
CA SER A 6 6.93 -2.47 2.25
C SER A 6 6.62 -2.04 3.69
N LYS A 7 7.62 -1.55 4.37
CA LYS A 7 7.46 -1.05 5.72
C LYS A 7 7.58 0.47 5.72
N PRO A 8 6.53 1.21 6.13
CA PRO A 8 5.22 0.65 6.53
C PRO A 8 4.34 0.37 5.31
N PRO A 9 3.33 -0.50 5.44
CA PRO A 9 2.42 -0.79 4.34
C PRO A 9 1.56 0.42 3.98
N ILE A 10 1.89 1.06 2.90
CA ILE A 10 1.13 2.18 2.39
C ILE A 10 0.26 1.68 1.26
N ALA A 11 -0.97 2.14 1.20
CA ALA A 11 -1.87 1.69 0.19
C ALA A 11 -2.49 2.88 -0.50
N PHE A 12 -2.82 2.70 -1.73
CA PHE A 12 -3.52 3.67 -2.52
C PHE A 12 -4.93 3.17 -2.71
N PRO A 13 -5.95 4.02 -2.48
CA PRO A 13 -7.38 3.63 -2.55
C PRO A 13 -7.84 3.13 -3.93
N ASP A 14 -6.96 3.21 -4.89
CA ASP A 14 -7.22 2.69 -6.21
C ASP A 14 -7.12 1.18 -6.19
N WMH B . -2.60 -1.66 1.47
C WMH B . -3.02 -2.34 0.32
C1 WMH B . -2.58 -0.33 1.71
C2 WMH B . -2.08 -0.16 2.96
N1 WMH B . -1.82 -1.33 3.49
N2 WMH B . -2.11 -2.26 2.64
H1 WMH B . -3.70 -3.13 0.60
H2 WMH B . -3.54 -1.64 -0.32
H5 WMH B . -1.94 0.79 3.44
N GLY A 1 -6.35 0.63 -5.24
CA GLY A 1 -5.97 -0.75 -5.40
C GLY A 1 -4.49 -0.92 -5.55
N ARG A 2 -3.73 -0.19 -4.76
CA ARG A 2 -2.29 -0.26 -4.83
C ARG A 2 -1.69 -0.40 -3.46
N ALA A 3 -1.46 -1.61 -3.07
CA ALA A 3 -0.84 -1.94 -1.82
C ALA A 3 0.55 -2.43 -2.04
N TYR A 4 1.45 -1.97 -1.21
CA TYR A 4 2.82 -2.36 -1.28
C TYR A 4 3.15 -3.10 -0.01
N LYS A 5 3.67 -4.29 -0.15
CA LYS A 5 3.97 -5.11 0.99
C LYS A 5 5.33 -4.73 1.60
N SER A 6 5.37 -3.59 2.19
CA SER A 6 6.53 -3.05 2.84
C SER A 6 6.08 -2.20 4.00
N LYS A 7 6.95 -1.99 4.96
CA LYS A 7 6.63 -1.17 6.12
C LYS A 7 7.47 0.11 6.11
N PRO A 8 6.85 1.30 6.35
CA PRO A 8 5.41 1.44 6.66
C PRO A 8 4.53 1.13 5.45
N PRO A 9 3.42 0.40 5.66
CA PRO A 9 2.54 -0.02 4.59
C PRO A 9 1.84 1.16 3.92
N ILE A 10 2.05 1.27 2.64
CA ILE A 10 1.45 2.31 1.85
C ILE A 10 0.43 1.66 0.95
N ALA A 11 -0.80 2.08 1.06
CA ALA A 11 -1.86 1.54 0.24
C ALA A 11 -2.69 2.65 -0.30
N PHE A 12 -2.76 2.74 -1.58
CA PHE A 12 -3.60 3.69 -2.22
C PHE A 12 -4.93 3.02 -2.45
N PRO A 13 -6.03 3.68 -2.01
CA PRO A 13 -7.41 3.11 -2.01
C PRO A 13 -7.86 2.57 -3.36
N ASP A 14 -7.23 3.02 -4.42
CA ASP A 14 -7.56 2.63 -5.78
C ASP A 14 -7.24 1.17 -6.03
N WMH B . -2.05 -1.91 1.10
C WMH B . -2.65 -2.39 -0.08
C1 WMH B . -2.08 -0.65 1.61
C2 WMH B . -1.33 -0.65 2.73
N1 WMH B . -0.85 -1.87 2.93
N2 WMH B . -1.25 -2.65 1.98
H1 WMH B . -3.37 -3.16 0.19
H2 WMH B . -3.18 -1.58 -0.57
H5 WMH B . -1.16 0.21 3.37
#